data_3VA8
#
_entry.id   3VA8
#
_cell.length_a   135.669
_cell.length_b   135.669
_cell.length_c   164.246
_cell.angle_alpha   90.00
_cell.angle_beta   90.00
_cell.angle_gamma   120.00
#
_symmetry.space_group_name_H-M   'H 3 2'
#
loop_
_entity.id
_entity.type
_entity.pdbx_description
1 polymer 'PROBABLE DEHYDRATASE'
2 non-polymer 'SULFATE ION'
3 non-polymer 'MAGNESIUM ION'
4 non-polymer 'FORMIC ACID'
5 water water
#
_entity_poly.entity_id   1
_entity_poly.type   'polypeptide(L)'
_entity_poly.pdbx_seq_one_letter_code
;MHHHHHHSSGVDLGTENLYFQSMSQRSIIKEIVITPVAFHDMPLLNSVGVHEPFALRSIIEIITEDSYGLGESYGDSAHL
DRLQKAADKIKGLSVYSTNVIYQRCVESLRNDTNTGGDGMGGMVVTASVADKVFSPFEVACLDLQGKLAGISVSDLLGGR
VRDSVQYSAYLFYKWGGHPGDEDDEYGPALDPEGVVKQAKKIIDEYGFKAIKLKGGVFPPADEVAAIKALHKAFPGVPLR
LDPNAAWTVETSKWVAKELEGIVEYLEDPAGEIEGMAAVAKEASMPLATNMAVVAFDHLPPSILQDAVQVILSDHHFWGG
LRKSQTLASICATWGLRLSMHSNSHLGISLAAMTHLASATPNLDYACDTHWPWKRRDEDVVIEGALKWKDGGVIVPSGPG
LGVELDRERLAKLHQQYVDCGLKKRDDTTYMKRFKPEFSEKIPRW
;
_entity_poly.pdbx_strand_id   A
#
loop_
_chem_comp.id
_chem_comp.type
_chem_comp.name
_chem_comp.formula
FMT non-polymer 'FORMIC ACID' 'C H2 O2'
MG non-polymer 'MAGNESIUM ION' 'Mg 2'
SO4 non-polymer 'SULFATE ION' 'O4 S -2'
#
# COMPACT_ATOMS: atom_id res chain seq x y z
N ASN A 17 -32.88 -21.69 10.92
CA ASN A 17 -34.20 -21.06 11.21
C ASN A 17 -34.13 -19.99 12.30
N LEU A 18 -33.88 -20.41 13.53
CA LEU A 18 -33.63 -19.47 14.63
C LEU A 18 -32.18 -18.97 14.56
N TYR A 19 -31.31 -19.77 13.93
CA TYR A 19 -29.91 -19.41 13.71
C TYR A 19 -29.81 -18.33 12.63
N PHE A 20 -30.54 -18.54 11.55
CA PHE A 20 -30.59 -17.60 10.44
C PHE A 20 -31.20 -16.23 10.84
N GLN A 21 -32.11 -16.24 11.80
CA GLN A 21 -32.79 -15.00 12.22
C GLN A 21 -31.95 -14.11 13.16
N SER A 22 -31.26 -14.75 14.11
CA SER A 22 -30.30 -14.02 14.94
C SER A 22 -29.14 -13.52 14.09
N MET A 23 -28.72 -14.32 13.10
CA MET A 23 -27.66 -13.92 12.16
C MET A 23 -28.04 -12.66 11.38
N SER A 24 -29.31 -12.51 11.04
CA SER A 24 -29.76 -11.30 10.37
C SER A 24 -29.53 -10.06 11.26
N GLN A 25 -29.83 -10.19 12.55
CA GLN A 25 -29.65 -9.07 13.49
C GLN A 25 -28.21 -8.90 13.92
N ARG A 26 -27.50 -10.02 14.11
CA ARG A 26 -26.12 -9.94 14.54
C ARG A 26 -25.25 -9.33 13.45
N SER A 27 -25.76 -9.22 12.24
CA SER A 27 -24.91 -8.75 11.14
C SER A 27 -25.17 -7.29 10.75
N ILE A 28 -26.12 -6.64 11.42
CA ILE A 28 -26.51 -5.27 11.11
C ILE A 28 -25.46 -4.32 11.71
N ILE A 29 -24.97 -3.39 10.88
CA ILE A 29 -24.11 -2.31 11.33
C ILE A 29 -24.84 -1.30 12.21
N LYS A 30 -24.47 -1.26 13.50
CA LYS A 30 -25.04 -0.31 14.46
C LYS A 30 -24.32 1.03 14.47
N GLU A 31 -23.00 0.98 14.33
CA GLU A 31 -22.18 2.17 14.47
C GLU A 31 -20.85 1.98 13.76
N ILE A 32 -20.29 3.09 13.29
CA ILE A 32 -18.98 3.13 12.70
C ILE A 32 -18.13 4.25 13.33
N VAL A 33 -16.95 3.90 13.86
CA VAL A 33 -16.02 4.89 14.41
C VAL A 33 -14.80 5.04 13.48
N ILE A 34 -14.58 6.26 13.00
CA ILE A 34 -13.39 6.58 12.23
C ILE A 34 -12.36 7.36 13.07
N THR A 35 -11.15 6.83 13.23
CA THR A 35 -10.16 7.43 14.12
C THR A 35 -8.85 7.70 13.38
N PRO A 36 -8.47 8.98 13.29
CA PRO A 36 -7.17 9.23 12.68
C PRO A 36 -6.04 8.97 13.65
N VAL A 37 -4.91 8.51 13.12
CA VAL A 37 -3.74 8.23 13.94
C VAL A 37 -2.48 8.73 13.22
N ALA A 38 -1.38 8.85 13.97
CA ALA A 38 -0.10 9.26 13.41
C ALA A 38 0.98 8.39 14.04
N PHE A 39 1.96 7.98 13.24
CA PHE A 39 3.07 7.23 13.78
C PHE A 39 4.37 7.72 13.17
N HIS A 40 5.46 7.50 13.88
CA HIS A 40 6.72 8.08 13.48
C HIS A 40 7.15 7.54 12.13
N ASP A 41 7.66 8.42 11.28
CA ASP A 41 8.22 8.01 10.00
C ASP A 41 9.62 8.60 9.83
N MET A 42 10.44 7.97 9.00
CA MET A 42 11.79 8.43 8.76
C MET A 42 11.89 9.27 7.48
N PRO A 43 12.99 10.04 7.33
CA PRO A 43 13.12 10.96 6.22
C PRO A 43 13.50 10.26 4.92
N LEU A 44 12.61 9.39 4.45
CA LEU A 44 12.79 8.69 3.21
C LEU A 44 12.56 9.61 2.03
N LEU A 45 13.43 9.49 1.04
CA LEU A 45 13.42 10.31 -0.16
C LEU A 45 12.65 9.65 -1.27
N ASN A 46 12.04 10.47 -2.13
CA ASN A 46 11.35 9.97 -3.29
C ASN A 46 11.18 11.09 -4.31
N SER A 47 10.48 10.83 -5.38
CA SER A 47 10.49 11.73 -6.52
C SER A 47 9.84 13.09 -6.23
N VAL A 48 9.07 13.19 -5.15
CA VAL A 48 8.29 14.40 -4.90
C VAL A 48 8.71 15.11 -3.62
N GLY A 49 9.67 14.55 -2.90
CA GLY A 49 10.20 15.23 -1.72
C GLY A 49 10.76 14.28 -0.69
N VAL A 50 10.29 14.40 0.53
CA VAL A 50 10.83 13.60 1.61
C VAL A 50 9.71 13.39 2.62
N HIS A 51 9.63 12.18 3.19
CA HIS A 51 8.59 11.87 4.18
C HIS A 51 8.66 12.79 5.41
N GLU A 52 7.50 13.24 5.88
CA GLU A 52 7.41 14.00 7.12
C GLU A 52 7.63 13.09 8.33
N PRO A 53 7.87 13.68 9.50
CA PRO A 53 8.17 12.94 10.73
C PRO A 53 7.02 12.07 11.20
N PHE A 54 5.82 12.27 10.66
CA PHE A 54 4.68 11.40 10.99
C PHE A 54 3.92 10.95 9.78
N ALA A 55 3.50 9.68 9.79
CA ALA A 55 2.63 9.17 8.72
C ALA A 55 1.21 9.14 9.26
N LEU A 56 0.22 9.50 8.44
CA LEU A 56 -1.17 9.49 8.90
C LEU A 56 -1.98 8.29 8.36
N ARG A 57 -2.93 7.79 9.16
CA ARG A 57 -3.86 6.76 8.71
C ARG A 57 -5.23 6.99 9.37
N SER A 58 -6.26 6.37 8.80
CA SER A 58 -7.54 6.26 9.48
C SER A 58 -7.79 4.81 9.89
N ILE A 59 -8.30 4.62 11.10
CA ILE A 59 -8.71 3.32 11.55
C ILE A 59 -10.26 3.28 11.57
N ILE A 60 -10.84 2.31 10.87
CA ILE A 60 -12.28 2.17 10.78
C ILE A 60 -12.70 1.01 11.66
N GLU A 61 -13.64 1.24 12.57
CA GLU A 61 -14.20 0.15 13.35
C GLU A 61 -15.67 0.11 13.02
N ILE A 62 -16.14 -1.03 12.48
CA ILE A 62 -17.58 -1.23 12.31
C ILE A 62 -18.07 -1.98 13.54
N ILE A 63 -19.13 -1.46 14.16
CA ILE A 63 -19.65 -2.09 15.38
C ILE A 63 -21.05 -2.66 15.13
N THR A 64 -21.21 -3.94 15.48
CA THR A 64 -22.53 -4.57 15.42
C THR A 64 -23.02 -4.83 16.86
N GLU A 65 -24.12 -5.56 17.01
CA GLU A 65 -24.66 -5.83 18.34
C GLU A 65 -23.64 -6.31 19.32
N ASP A 66 -22.86 -7.32 18.92
CA ASP A 66 -22.00 -8.00 19.87
C ASP A 66 -20.58 -8.20 19.34
N SER A 67 -20.24 -7.55 18.25
CA SER A 67 -18.89 -7.75 17.67
C SER A 67 -18.41 -6.48 16.92
N TYR A 68 -17.21 -6.50 16.33
CA TYR A 68 -16.74 -5.34 15.58
C TYR A 68 -15.80 -5.86 14.51
N GLY A 69 -15.59 -5.05 13.47
CA GLY A 69 -14.65 -5.38 12.40
C GLY A 69 -13.77 -4.18 12.14
N LEU A 70 -12.57 -4.41 11.60
CA LEU A 70 -11.59 -3.36 11.40
C LEU A 70 -11.21 -3.13 9.92
N GLY A 71 -11.01 -1.87 9.55
CA GLY A 71 -10.32 -1.58 8.30
C GLY A 71 -9.37 -0.42 8.55
N GLU A 72 -8.60 -0.06 7.52
CA GLU A 72 -7.57 0.94 7.65
C GLU A 72 -7.39 1.66 6.33
N SER A 73 -7.22 2.98 6.37
CA SER A 73 -7.16 3.76 5.12
C SER A 73 -6.31 5.00 5.32
N TYR A 74 -6.45 5.97 4.43
CA TYR A 74 -5.60 7.16 4.47
C TYR A 74 -6.03 8.09 5.60
N GLY A 75 -5.12 8.97 6.02
CA GLY A 75 -5.39 9.84 7.16
C GLY A 75 -5.60 11.32 6.87
N ASP A 76 -5.62 11.72 5.60
CA ASP A 76 -5.77 13.13 5.29
C ASP A 76 -7.20 13.60 5.56
N SER A 77 -7.37 14.90 5.77
CA SER A 77 -8.64 15.46 6.24
C SER A 77 -9.74 15.34 5.22
N ALA A 78 -9.40 15.53 3.94
CA ALA A 78 -10.40 15.42 2.90
C ALA A 78 -10.94 13.98 2.87
N HIS A 79 -10.04 13.02 3.04
CA HIS A 79 -10.45 11.61 3.05
C HIS A 79 -11.30 11.26 4.27
N LEU A 80 -10.90 11.74 5.46
CA LEU A 80 -11.68 11.47 6.68
C LEU A 80 -13.11 11.99 6.56
N ASP A 81 -13.25 13.19 5.97
CA ASP A 81 -14.57 13.78 5.77
C ASP A 81 -15.39 12.90 4.82
N ARG A 82 -14.74 12.37 3.81
CA ARG A 82 -15.42 11.46 2.89
C ARG A 82 -15.83 10.16 3.58
N LEU A 83 -14.94 9.61 4.40
CA LEU A 83 -15.29 8.39 5.12
C LEU A 83 -16.49 8.61 6.05
N GLN A 84 -16.52 9.75 6.72
CA GLN A 84 -17.55 10.03 7.72
C GLN A 84 -18.92 10.17 7.06
N LYS A 85 -18.93 10.83 5.93
CA LYS A 85 -20.11 11.00 5.16
C LYS A 85 -20.64 9.69 4.64
N ALA A 86 -19.76 8.79 4.20
CA ALA A 86 -20.20 7.49 3.73
C ALA A 86 -20.70 6.69 4.90
N ALA A 87 -19.93 6.74 5.99
CA ALA A 87 -20.31 6.00 7.18
C ALA A 87 -21.73 6.33 7.67
N ASP A 88 -22.12 7.61 7.60
CA ASP A 88 -23.46 8.02 8.05
C ASP A 88 -24.55 7.28 7.26
N LYS A 89 -24.28 7.01 5.98
CA LYS A 89 -25.26 6.35 5.09
C LYS A 89 -25.26 4.83 5.17
N ILE A 90 -24.20 4.25 5.72
CA ILE A 90 -23.99 2.81 5.71
C ILE A 90 -24.62 2.16 6.95
N LYS A 91 -24.80 2.92 8.00
CA LYS A 91 -25.35 2.40 9.23
C LYS A 91 -26.71 1.79 9.00
N GLY A 92 -27.00 0.66 9.60
CA GLY A 92 -28.28 -0.02 9.40
C GLY A 92 -28.17 -1.18 8.43
N LEU A 93 -27.19 -1.11 7.54
CA LEU A 93 -26.99 -2.22 6.59
C LEU A 93 -26.33 -3.43 7.25
N SER A 94 -26.60 -4.60 6.67
CA SER A 94 -25.90 -5.84 7.00
C SER A 94 -24.45 -5.78 6.54
N VAL A 95 -23.53 -6.38 7.28
CA VAL A 95 -22.13 -6.48 6.78
C VAL A 95 -21.99 -7.32 5.51
N TYR A 96 -23.06 -8.02 5.13
CA TYR A 96 -23.06 -8.85 3.92
C TYR A 96 -23.45 -8.04 2.71
N SER A 97 -23.97 -6.83 2.96
CA SER A 97 -24.58 -6.04 1.88
C SER A 97 -23.59 -5.14 1.18
N THR A 98 -22.48 -5.74 0.75
CA THR A 98 -21.42 -4.98 0.14
C THR A 98 -21.83 -4.25 -1.15
N ASN A 99 -22.72 -4.84 -1.94
CA ASN A 99 -23.28 -4.15 -3.11
C ASN A 99 -23.95 -2.82 -2.73
N VAL A 100 -24.80 -2.85 -1.72
CA VAL A 100 -25.51 -1.63 -1.37
C VAL A 100 -24.58 -0.67 -0.62
N ILE A 101 -23.68 -1.20 0.21
CA ILE A 101 -22.64 -0.35 0.80
C ILE A 101 -21.87 0.41 -0.27
N TYR A 102 -21.48 -0.27 -1.32
CA TYR A 102 -20.72 0.43 -2.37
C TYR A 102 -21.57 1.55 -2.97
N GLN A 103 -22.84 1.26 -3.26
CA GLN A 103 -23.80 2.28 -3.76
C GLN A 103 -23.91 3.50 -2.84
N ARG A 104 -24.04 3.29 -1.54
CA ARG A 104 -24.07 4.40 -0.60
C ARG A 104 -22.78 5.23 -0.68
N CYS A 105 -21.64 4.58 -0.86
CA CYS A 105 -20.38 5.33 -0.96
C CYS A 105 -20.42 6.20 -2.18
N VAL A 106 -20.88 5.65 -3.29
CA VAL A 106 -21.00 6.42 -4.54
C VAL A 106 -21.98 7.58 -4.32
N GLU A 107 -23.15 7.29 -3.77
CA GLU A 107 -24.14 8.33 -3.49
C GLU A 107 -23.53 9.46 -2.68
N SER A 108 -22.77 9.11 -1.64
CA SER A 108 -22.23 10.09 -0.71
C SER A 108 -21.26 11.06 -1.36
N LEU A 109 -20.71 10.67 -2.51
CA LEU A 109 -19.75 11.51 -3.22
C LEU A 109 -20.42 12.33 -4.32
N ARG A 110 -21.74 12.12 -4.46
CA ARG A 110 -22.57 12.80 -5.44
C ARG A 110 -22.12 14.25 -5.64
N ASN A 111 -22.04 15.01 -4.55
CA ASN A 111 -21.68 16.43 -4.61
C ASN A 111 -20.28 16.72 -4.10
N ASP A 112 -19.32 15.93 -4.56
CA ASP A 112 -17.94 16.05 -4.11
C ASP A 112 -17.04 16.33 -5.30
N THR A 113 -16.77 17.58 -5.58
CA THR A 113 -15.76 17.91 -6.55
C THR A 113 -14.53 18.05 -5.67
N ASN A 114 -14.78 18.66 -4.52
CA ASN A 114 -13.82 18.83 -3.45
C ASN A 114 -12.51 18.11 -3.63
N GLY A 117 -6.47 15.90 -3.37
CA GLY A 117 -5.22 15.28 -2.97
C GLY A 117 -5.27 13.78 -2.75
N ASP A 118 -4.19 13.11 -3.14
CA ASP A 118 -4.03 11.66 -3.13
C ASP A 118 -4.08 10.93 -1.78
N GLY A 119 -3.48 11.51 -0.77
CA GLY A 119 -3.29 10.84 0.48
C GLY A 119 -2.05 9.99 0.34
N MET A 120 -1.45 10.07 -0.85
CA MET A 120 -0.29 9.29 -1.22
C MET A 120 0.83 10.14 -1.80
N GLY A 121 0.99 11.34 -1.25
CA GLY A 121 2.05 12.23 -1.64
C GLY A 121 1.96 12.86 -3.00
N GLY A 122 0.88 12.57 -3.71
CA GLY A 122 0.69 13.03 -5.08
C GLY A 122 1.43 12.16 -6.11
N MET A 123 1.71 10.91 -5.73
CA MET A 123 2.32 9.94 -6.64
C MET A 123 1.30 8.97 -7.24
N VAL A 124 0.12 8.90 -6.62
CA VAL A 124 -1.02 8.09 -7.12
C VAL A 124 -2.30 8.96 -7.18
N VAL A 125 -2.48 9.73 -8.26
CA VAL A 125 -3.52 10.76 -8.29
C VAL A 125 -4.83 10.41 -9.03
N THR A 126 -4.86 9.31 -9.79
CA THR A 126 -6.02 9.03 -10.64
C THR A 126 -6.88 7.81 -10.24
N ALA A 127 -6.75 7.34 -9.00
CA ALA A 127 -7.55 6.20 -8.52
C ALA A 127 -9.01 6.63 -8.27
N SER A 128 -9.96 5.71 -8.38
CA SER A 128 -11.37 6.02 -8.09
C SER A 128 -11.58 6.37 -6.62
N VAL A 129 -12.13 7.56 -6.40
CA VAL A 129 -12.41 8.01 -5.05
C VAL A 129 -13.43 7.10 -4.37
N ALA A 130 -14.45 6.68 -5.11
CA ALA A 130 -15.44 5.78 -4.53
C ALA A 130 -14.82 4.47 -4.03
N ASP A 131 -13.83 3.97 -4.76
CA ASP A 131 -13.14 2.72 -4.34
C ASP A 131 -12.26 2.97 -3.13
N LYS A 132 -11.57 4.12 -3.11
CA LYS A 132 -10.80 4.51 -1.93
C LYS A 132 -11.66 4.63 -0.70
N VAL A 133 -12.86 5.19 -0.85
CA VAL A 133 -13.79 5.36 0.28
C VAL A 133 -14.41 4.03 0.71
N PHE A 134 -14.81 3.24 -0.28
CA PHE A 134 -15.38 1.90 -0.05
C PHE A 134 -14.42 0.95 0.66
N SER A 135 -13.17 0.93 0.21
CA SER A 135 -12.21 -0.09 0.66
C SER A 135 -12.24 -0.44 2.17
N PRO A 136 -11.99 0.54 3.07
CA PRO A 136 -11.95 0.15 4.50
C PRO A 136 -13.28 -0.36 5.10
N PHE A 137 -14.42 0.10 4.60
CA PHE A 137 -15.66 -0.51 5.03
C PHE A 137 -15.74 -1.95 4.55
N GLU A 138 -15.34 -2.17 3.31
CA GLU A 138 -15.37 -3.54 2.79
C GLU A 138 -14.45 -4.45 3.61
N VAL A 139 -13.27 -3.94 3.98
CA VAL A 139 -12.35 -4.77 4.79
C VAL A 139 -12.96 -5.06 6.15
N ALA A 140 -13.47 -4.02 6.81
CA ALA A 140 -14.12 -4.23 8.10
C ALA A 140 -15.30 -5.19 8.02
N CYS A 141 -16.03 -5.17 6.90
CA CYS A 141 -17.19 -6.06 6.73
C CYS A 141 -16.77 -7.51 6.61
N LEU A 142 -15.69 -7.76 5.87
CA LEU A 142 -15.15 -9.12 5.73
C LEU A 142 -14.58 -9.64 7.05
N ASP A 143 -13.91 -8.77 7.79
CA ASP A 143 -13.48 -9.09 9.15
C ASP A 143 -14.68 -9.56 9.95
N LEU A 144 -15.77 -8.78 9.88
CA LEU A 144 -17.00 -9.15 10.57
C LEU A 144 -17.66 -10.41 10.00
N GLN A 145 -17.62 -10.59 8.68
CA GLN A 145 -18.21 -11.82 8.13
C GLN A 145 -17.44 -13.04 8.63
N GLY A 146 -16.13 -12.90 8.75
CA GLY A 146 -15.32 -14.00 9.28
C GLY A 146 -15.64 -14.29 10.73
N LYS A 147 -15.67 -13.26 11.57
CA LYS A 147 -15.97 -13.46 12.98
C LYS A 147 -17.33 -14.10 13.17
N LEU A 148 -18.34 -13.61 12.44
CA LEU A 148 -19.68 -14.18 12.57
C LEU A 148 -19.75 -15.67 12.19
N ALA A 149 -19.01 -16.06 11.17
CA ALA A 149 -19.07 -17.42 10.67
C ALA A 149 -17.99 -18.30 11.31
N GLY A 150 -17.12 -17.69 12.12
CA GLY A 150 -16.01 -18.42 12.72
C GLY A 150 -14.95 -18.87 11.73
N ILE A 151 -14.75 -18.11 10.66
CA ILE A 151 -13.71 -18.44 9.68
C ILE A 151 -12.82 -17.25 9.35
N SER A 152 -11.61 -17.54 8.90
CA SER A 152 -10.63 -16.55 8.47
C SER A 152 -11.09 -15.84 7.21
N VAL A 153 -10.69 -14.58 7.06
CA VAL A 153 -10.91 -13.84 5.83
C VAL A 153 -10.28 -14.56 4.61
N SER A 154 -9.15 -15.22 4.80
CA SER A 154 -8.55 -15.87 3.65
C SER A 154 -9.47 -16.99 3.15
N ASP A 155 -10.26 -17.59 4.04
CA ASP A 155 -11.23 -18.61 3.61
C ASP A 155 -12.41 -17.98 2.88
N LEU A 156 -12.81 -16.79 3.32
CA LEU A 156 -13.88 -16.04 2.64
C LEU A 156 -13.47 -15.78 1.20
N LEU A 157 -12.18 -15.69 0.97
CA LEU A 157 -11.67 -15.30 -0.36
C LEU A 157 -11.22 -16.51 -1.20
N GLY A 158 -11.64 -17.71 -0.82
CA GLY A 158 -11.42 -18.90 -1.62
C GLY A 158 -10.39 -19.84 -1.00
N GLY A 159 -9.90 -19.48 0.18
CA GLY A 159 -8.91 -20.31 0.92
C GLY A 159 -7.47 -20.02 0.53
N ARG A 160 -6.57 -20.07 1.51
CA ARG A 160 -5.18 -19.81 1.18
C ARG A 160 -4.58 -20.89 0.29
N VAL A 161 -3.70 -20.48 -0.62
CA VAL A 161 -2.92 -21.44 -1.36
C VAL A 161 -1.46 -21.45 -0.91
N ARG A 162 -1.15 -20.62 0.09
CA ARG A 162 0.19 -20.56 0.69
C ARG A 162 -0.04 -20.21 2.15
N ASP A 163 0.83 -20.69 3.03
CA ASP A 163 0.66 -20.52 4.46
C ASP A 163 1.36 -19.25 4.97
N SER A 164 2.17 -18.64 4.12
CA SER A 164 2.72 -17.33 4.43
C SER A 164 2.86 -16.54 3.14
N VAL A 165 2.99 -15.22 3.25
CA VAL A 165 3.07 -14.39 2.08
C VAL A 165 4.40 -13.68 2.07
N GLN A 166 5.13 -13.78 0.96
CA GLN A 166 6.47 -13.18 0.92
C GLN A 166 6.38 -11.68 0.66
N TYR A 167 7.18 -10.90 1.38
CA TYR A 167 7.34 -9.48 1.10
C TYR A 167 8.73 -9.11 0.56
N SER A 168 8.87 -7.88 0.09
CA SER A 168 10.12 -7.40 -0.46
C SER A 168 10.76 -6.46 0.56
N ALA A 169 12.07 -6.27 0.45
CA ALA A 169 12.75 -5.24 1.23
C ALA A 169 12.69 -3.95 0.44
N TYR A 170 12.04 -2.96 1.02
CA TYR A 170 11.76 -1.71 0.30
C TYR A 170 12.81 -0.65 0.68
N LEU A 171 13.77 -0.40 -0.22
CA LEU A 171 14.89 0.48 0.12
C LEU A 171 14.61 1.90 -0.30
N PHE A 172 15.10 2.86 0.48
CA PHE A 172 14.99 4.27 0.08
C PHE A 172 16.32 4.96 0.26
N TYR A 173 16.62 5.90 -0.62
CA TYR A 173 17.56 6.93 -0.22
C TYR A 173 16.92 7.74 0.91
N LYS A 174 17.71 8.14 1.88
CA LYS A 174 17.23 8.91 2.98
C LYS A 174 18.28 9.76 3.67
N TRP A 175 17.86 10.85 4.28
CA TRP A 175 18.69 11.62 5.21
C TRP A 175 18.93 10.77 6.45
N GLY A 176 19.87 11.14 7.29
CA GLY A 176 20.25 10.29 8.41
C GLY A 176 19.24 10.44 9.53
N GLY A 177 18.59 11.60 9.54
CA GLY A 177 17.51 11.89 10.49
C GLY A 177 16.75 13.11 10.02
N HIS A 178 15.67 13.46 10.71
CA HIS A 178 14.96 14.68 10.36
C HIS A 178 15.80 15.87 10.79
N PRO A 179 15.84 16.92 9.95
CA PRO A 179 16.67 18.08 10.28
C PRO A 179 16.50 18.51 11.73
N GLY A 180 17.60 18.56 12.48
CA GLY A 180 17.55 19.05 13.85
C GLY A 180 17.45 17.95 14.90
N ASP A 181 16.94 16.78 14.53
CA ASP A 181 16.90 15.65 15.45
C ASP A 181 18.09 14.75 15.20
N GLU A 182 18.30 13.80 16.12
CA GLU A 182 19.39 12.85 15.97
C GLU A 182 19.09 11.80 14.90
N ASP A 183 20.13 11.22 14.33
CA ASP A 183 19.99 10.18 13.32
C ASP A 183 19.13 9.02 13.84
N ASP A 184 18.30 8.44 12.97
CA ASP A 184 17.53 7.26 13.33
C ASP A 184 18.46 6.06 13.21
N GLU A 185 17.96 4.87 13.56
CA GLU A 185 18.84 3.71 13.69
C GLU A 185 19.40 3.23 12.35
N TYR A 186 18.86 3.72 11.24
CA TYR A 186 19.39 3.38 9.92
C TYR A 186 20.47 4.37 9.45
N GLY A 187 20.35 5.63 9.86
CA GLY A 187 21.21 6.66 9.33
C GLY A 187 21.04 6.79 7.83
N PRO A 188 21.90 7.60 7.20
CA PRO A 188 21.74 8.03 5.81
C PRO A 188 21.99 6.95 4.76
N ALA A 189 21.33 7.10 3.61
CA ALA A 189 21.66 6.34 2.41
C ALA A 189 21.62 7.30 1.26
N LEU A 190 22.79 7.64 0.71
CA LEU A 190 22.85 8.66 -0.33
C LEU A 190 23.71 8.20 -1.50
N ASP A 191 24.10 6.94 -1.48
CA ASP A 191 24.93 6.40 -2.55
C ASP A 191 24.85 4.89 -2.53
N PRO A 192 25.40 4.23 -3.56
CA PRO A 192 25.27 2.77 -3.64
C PRO A 192 25.66 2.07 -2.34
N GLU A 193 26.73 2.54 -1.71
CA GLU A 193 27.22 1.90 -0.50
C GLU A 193 26.21 1.97 0.67
N GLY A 194 25.54 3.12 0.80
CA GLY A 194 24.57 3.31 1.87
C GLY A 194 23.35 2.44 1.63
N VAL A 195 22.96 2.30 0.37
CA VAL A 195 21.80 1.50 0.01
C VAL A 195 22.08 0.02 0.32
N VAL A 196 23.30 -0.43 0.05
CA VAL A 196 23.65 -1.81 0.38
C VAL A 196 23.62 -2.08 1.87
N LYS A 197 24.10 -1.12 2.65
CA LYS A 197 24.15 -1.25 4.09
C LYS A 197 22.76 -1.28 4.69
N GLN A 198 21.88 -0.44 4.14
CA GLN A 198 20.46 -0.43 4.53
C GLN A 198 19.86 -1.81 4.23
N ALA A 199 20.06 -2.29 3.00
CA ALA A 199 19.51 -3.56 2.57
C ALA A 199 19.97 -4.72 3.46
N LYS A 200 21.23 -4.69 3.93
CA LYS A 200 21.74 -5.74 4.82
C LYS A 200 21.08 -5.69 6.17
N LYS A 201 20.98 -4.49 6.72
CA LYS A 201 20.30 -4.33 7.99
C LYS A 201 18.88 -4.89 7.86
N ILE A 202 18.18 -4.51 6.80
CA ILE A 202 16.78 -4.89 6.68
C ILE A 202 16.60 -6.40 6.51
N ILE A 203 17.36 -6.97 5.58
CA ILE A 203 17.30 -8.40 5.30
C ILE A 203 17.79 -9.25 6.48
N ASP A 204 18.75 -8.74 7.26
CA ASP A 204 19.19 -9.46 8.45
C ASP A 204 18.04 -9.53 9.44
N GLU A 205 17.26 -8.45 9.54
CA GLU A 205 16.12 -8.47 10.46
C GLU A 205 14.94 -9.30 9.96
N TYR A 206 14.60 -9.18 8.67
CA TYR A 206 13.34 -9.75 8.13
C TYR A 206 13.52 -10.99 7.26
N GLY A 207 14.65 -11.08 6.57
CA GLY A 207 14.88 -12.19 5.65
C GLY A 207 14.15 -12.10 4.32
N PHE A 208 13.72 -10.90 3.91
CA PHE A 208 13.00 -10.78 2.64
C PHE A 208 13.87 -11.42 1.58
N LYS A 209 13.24 -11.95 0.53
CA LYS A 209 13.94 -12.59 -0.55
C LYS A 209 13.79 -11.85 -1.85
N ALA A 210 13.48 -10.56 -1.78
CA ALA A 210 13.38 -9.73 -2.96
C ALA A 210 13.67 -8.29 -2.54
N ILE A 211 14.20 -7.49 -3.45
CA ILE A 211 14.57 -6.13 -3.09
C ILE A 211 13.99 -5.07 -4.04
N LYS A 212 13.47 -4.00 -3.48
CA LYS A 212 13.00 -2.87 -4.28
C LYS A 212 13.70 -1.57 -3.82
N LEU A 213 14.20 -0.79 -4.78
CA LEU A 213 14.71 0.55 -4.48
C LEU A 213 13.78 1.66 -5.02
N LYS A 214 13.47 2.62 -4.16
CA LYS A 214 12.70 3.79 -4.52
C LYS A 214 13.69 4.76 -5.17
N GLY A 215 13.49 5.04 -6.46
CA GLY A 215 14.33 5.98 -7.20
C GLY A 215 13.61 7.28 -7.52
N GLY A 216 14.05 7.96 -8.58
CA GLY A 216 13.56 9.31 -8.94
C GLY A 216 14.12 10.34 -7.98
N VAL A 217 15.17 9.95 -7.26
CA VAL A 217 15.79 10.84 -6.28
C VAL A 217 17.14 11.36 -6.83
N PHE A 218 17.99 10.47 -7.36
CA PHE A 218 19.26 10.88 -7.97
C PHE A 218 19.24 10.68 -9.48
N PRO A 219 20.22 11.28 -10.18
CA PRO A 219 20.25 11.06 -11.62
C PRO A 219 20.21 9.57 -11.97
N PRO A 220 19.60 9.23 -13.11
CA PRO A 220 19.38 7.80 -13.36
C PRO A 220 20.70 7.00 -13.31
N ALA A 221 21.79 7.62 -13.76
CA ALA A 221 23.09 6.94 -13.74
C ALA A 221 23.44 6.48 -12.32
N ASP A 222 23.17 7.31 -11.33
CA ASP A 222 23.49 6.95 -9.95
C ASP A 222 22.61 5.85 -9.40
N GLU A 223 21.36 5.79 -9.87
CA GLU A 223 20.43 4.82 -9.33
C GLU A 223 20.69 3.46 -9.99
N VAL A 224 21.07 3.50 -11.27
CA VAL A 224 21.53 2.31 -11.94
C VAL A 224 22.71 1.72 -11.16
N ALA A 225 23.59 2.60 -10.67
CA ALA A 225 24.77 2.17 -9.93
C ALA A 225 24.36 1.52 -8.60
N ALA A 226 23.31 2.04 -7.97
CA ALA A 226 22.89 1.40 -6.73
C ALA A 226 22.26 0.03 -7.00
N ILE A 227 21.48 -0.09 -8.07
CA ILE A 227 20.93 -1.41 -8.41
C ILE A 227 22.04 -2.45 -8.71
N LYS A 228 23.07 -2.04 -9.44
CA LYS A 228 24.21 -2.93 -9.76
C LYS A 228 24.97 -3.30 -8.49
N ALA A 229 25.20 -2.32 -7.64
CA ALA A 229 25.83 -2.62 -6.37
C ALA A 229 24.99 -3.59 -5.53
N LEU A 230 23.66 -3.51 -5.65
CA LEU A 230 22.78 -4.43 -4.91
C LEU A 230 22.83 -5.84 -5.51
N HIS A 231 22.85 -5.95 -6.83
CA HIS A 231 22.96 -7.22 -7.55
C HIS A 231 24.24 -7.99 -7.17
N LYS A 232 25.33 -7.24 -6.99
CA LYS A 232 26.59 -7.82 -6.57
C LYS A 232 26.55 -8.28 -5.12
N ALA A 233 25.93 -7.48 -4.25
CA ALA A 233 25.90 -7.81 -2.83
C ALA A 233 24.85 -8.85 -2.46
N PHE A 234 23.90 -9.09 -3.37
CA PHE A 234 22.81 -10.02 -3.07
C PHE A 234 22.49 -10.84 -4.32
N PRO A 235 23.42 -11.74 -4.72
CA PRO A 235 23.36 -12.49 -5.97
C PRO A 235 22.11 -13.34 -6.02
N GLY A 236 21.46 -13.43 -7.18
CA GLY A 236 20.20 -14.22 -7.27
C GLY A 236 18.97 -13.74 -6.48
N VAL A 237 19.06 -12.56 -5.85
CA VAL A 237 17.88 -11.98 -5.20
C VAL A 237 17.21 -11.00 -6.17
N PRO A 238 15.95 -11.26 -6.54
CA PRO A 238 15.22 -10.41 -7.51
C PRO A 238 15.25 -8.95 -7.12
N LEU A 239 15.48 -8.08 -8.09
CA LEU A 239 15.64 -6.64 -7.84
C LEU A 239 14.58 -5.83 -8.59
N ARG A 240 14.09 -4.75 -7.99
CA ARG A 240 13.16 -3.86 -8.68
C ARG A 240 13.58 -2.39 -8.48
N LEU A 241 13.24 -1.55 -9.45
CA LEU A 241 13.51 -0.11 -9.36
C LEU A 241 12.24 0.70 -9.71
N ASP A 242 11.88 1.64 -8.83
CA ASP A 242 10.66 2.47 -8.97
C ASP A 242 10.96 3.98 -8.87
N PRO A 243 11.14 4.65 -10.01
CA PRO A 243 11.35 6.08 -9.94
C PRO A 243 10.04 6.90 -10.04
N ASN A 244 8.86 6.26 -9.99
CA ASN A 244 7.61 7.02 -9.99
C ASN A 244 7.53 8.02 -11.12
N ALA A 245 7.86 7.55 -12.32
CA ALA A 245 7.71 8.28 -13.60
C ALA A 245 8.57 9.52 -13.69
N ALA A 246 9.72 9.48 -13.01
CA ALA A 246 10.65 10.60 -13.08
C ALA A 246 11.44 10.64 -14.37
N TRP A 247 11.24 9.70 -15.29
CA TRP A 247 12.04 9.72 -16.53
C TRP A 247 11.31 9.99 -17.83
N THR A 248 12.03 10.61 -18.76
CA THR A 248 11.52 10.71 -20.10
C THR A 248 11.53 9.30 -20.70
N VAL A 249 10.83 9.14 -21.82
CA VAL A 249 10.79 7.86 -22.50
C VAL A 249 12.21 7.42 -22.91
N GLU A 250 13.00 8.34 -23.48
CA GLU A 250 14.37 8.03 -23.89
C GLU A 250 15.24 7.65 -22.72
N THR A 251 15.11 8.36 -21.60
CA THR A 251 15.89 8.03 -20.42
C THR A 251 15.47 6.68 -19.88
N SER A 252 14.17 6.41 -19.86
CA SER A 252 13.68 5.10 -19.42
C SER A 252 14.25 3.95 -20.30
N LYS A 253 14.22 4.11 -21.62
CA LYS A 253 14.82 3.11 -22.54
C LYS A 253 16.31 2.86 -22.28
N TRP A 254 17.05 3.93 -22.02
CA TRP A 254 18.44 3.83 -21.61
C TRP A 254 18.59 3.07 -20.30
N VAL A 255 17.77 3.38 -19.29
CA VAL A 255 17.88 2.66 -18.02
C VAL A 255 17.55 1.18 -18.19
N ALA A 256 16.55 0.88 -19.00
CA ALA A 256 16.17 -0.52 -19.15
C ALA A 256 17.26 -1.31 -19.89
N LYS A 257 17.98 -0.64 -20.79
CA LYS A 257 19.09 -1.25 -21.49
C LYS A 257 20.21 -1.55 -20.49
N GLU A 258 20.58 -0.57 -19.68
CA GLU A 258 21.58 -0.77 -18.65
C GLU A 258 21.27 -1.92 -17.70
N LEU A 259 19.98 -2.15 -17.44
CA LEU A 259 19.62 -3.07 -16.36
C LEU A 259 19.04 -4.39 -16.87
N GLU A 260 19.13 -4.60 -18.18
CA GLU A 260 18.79 -5.89 -18.78
C GLU A 260 19.33 -7.06 -17.94
N GLY A 261 18.53 -8.11 -17.78
CA GLY A 261 18.93 -9.26 -16.97
C GLY A 261 19.18 -9.00 -15.49
N ILE A 262 19.22 -7.74 -15.08
CA ILE A 262 19.53 -7.43 -13.69
C ILE A 262 18.31 -7.21 -12.76
N VAL A 263 17.18 -6.74 -13.28
CA VAL A 263 15.99 -6.51 -12.44
C VAL A 263 14.80 -7.39 -12.81
N GLU A 264 14.04 -7.82 -11.80
CA GLU A 264 12.81 -8.56 -11.98
C GLU A 264 11.84 -7.72 -12.85
N TYR A 265 11.58 -6.47 -12.45
CA TYR A 265 10.79 -5.58 -13.32
C TYR A 265 11.19 -4.15 -13.13
N LEU A 266 10.87 -3.30 -14.09
CA LEU A 266 11.10 -1.87 -13.96
C LEU A 266 9.74 -1.20 -13.74
N GLU A 267 9.56 -0.56 -12.60
CA GLU A 267 8.25 -0.03 -12.21
C GLU A 267 8.08 1.48 -12.54
N ASP A 268 7.04 1.82 -13.31
CA ASP A 268 6.74 3.22 -13.61
C ASP A 268 7.97 4.06 -13.98
N PRO A 269 8.71 3.62 -14.99
CA PRO A 269 9.85 4.44 -15.41
C PRO A 269 9.39 5.78 -16.01
N ALA A 270 8.39 5.71 -16.87
CA ALA A 270 7.88 6.91 -17.56
C ALA A 270 6.40 7.14 -17.24
N GLY A 271 5.91 8.35 -17.53
CA GLY A 271 4.54 8.71 -17.22
C GLY A 271 3.49 8.31 -18.23
N GLU A 272 2.29 8.00 -17.73
CA GLU A 272 1.12 7.76 -18.57
C GLU A 272 1.15 6.42 -19.28
N ILE A 273 -0.03 5.96 -19.69
CA ILE A 273 -0.16 4.73 -20.41
C ILE A 273 0.70 4.82 -21.66
N GLU A 274 0.67 5.97 -22.32
CA GLU A 274 1.38 6.15 -23.59
C GLU A 274 2.89 6.08 -23.42
N GLY A 275 3.38 6.63 -22.32
CA GLY A 275 4.81 6.65 -22.07
C GLY A 275 5.28 5.25 -21.74
N MET A 276 4.55 4.60 -20.84
CA MET A 276 4.81 3.21 -20.51
C MET A 276 4.83 2.31 -21.74
N ALA A 277 3.83 2.41 -22.61
CA ALA A 277 3.75 1.57 -23.80
C ALA A 277 4.97 1.73 -24.71
N ALA A 278 5.42 2.99 -24.87
CA ALA A 278 6.57 3.25 -25.74
C ALA A 278 7.83 2.66 -25.14
N VAL A 279 7.91 2.68 -23.82
CA VAL A 279 9.07 2.08 -23.14
C VAL A 279 9.03 0.56 -23.21
N ALA A 280 7.84 -0.02 -22.97
CA ALA A 280 7.66 -1.47 -22.97
C ALA A 280 8.07 -2.11 -24.31
N LYS A 281 7.91 -1.36 -25.40
CA LYS A 281 8.27 -1.86 -26.73
C LYS A 281 9.75 -2.21 -26.81
N GLU A 282 10.60 -1.48 -26.10
CA GLU A 282 12.03 -1.75 -26.17
C GLU A 282 12.60 -2.46 -24.96
N ALA A 283 11.93 -2.34 -23.81
CA ALA A 283 12.45 -2.93 -22.57
C ALA A 283 12.33 -4.45 -22.57
N SER A 284 13.39 -5.11 -22.12
CA SER A 284 13.43 -6.56 -22.13
C SER A 284 12.76 -7.10 -20.87
N MET A 285 12.91 -6.41 -19.73
CA MET A 285 12.14 -6.79 -18.52
C MET A 285 10.68 -6.32 -18.59
N PRO A 286 9.78 -6.98 -17.84
CA PRO A 286 8.42 -6.46 -17.83
C PRO A 286 8.36 -5.11 -17.10
N LEU A 287 7.42 -4.24 -17.50
CA LEU A 287 7.18 -2.97 -16.78
C LEU A 287 6.03 -3.15 -15.81
N ALA A 288 6.19 -2.67 -14.59
CA ALA A 288 5.13 -2.74 -13.58
C ALA A 288 4.52 -1.35 -13.33
N THR A 289 3.35 -1.29 -12.71
CA THR A 289 2.79 0.04 -12.42
C THR A 289 1.85 0.10 -11.23
N ASN A 290 1.94 1.21 -10.49
CA ASN A 290 0.89 1.67 -9.59
C ASN A 290 0.57 3.14 -9.84
N MET A 291 0.71 3.60 -11.08
CA MET A 291 0.46 5.00 -11.44
C MET A 291 -0.38 5.12 -12.69
N ALA A 292 0.05 4.44 -13.74
CA ALA A 292 -0.63 4.52 -15.01
C ALA A 292 -1.86 3.61 -15.00
N VAL A 293 -1.87 2.59 -14.14
CA VAL A 293 -3.04 1.74 -14.01
C VAL A 293 -3.41 1.60 -12.54
N VAL A 294 -4.39 2.38 -12.10
CA VAL A 294 -4.75 2.39 -10.66
C VAL A 294 -6.27 2.34 -10.44
N ALA A 295 -7.00 1.99 -11.49
CA ALA A 295 -8.46 1.90 -11.42
C ALA A 295 -8.94 1.02 -12.54
N PHE A 296 -10.11 0.43 -12.36
CA PHE A 296 -10.67 -0.44 -13.40
C PHE A 296 -10.77 0.26 -14.75
N ASP A 297 -11.09 1.54 -14.73
CA ASP A 297 -11.19 2.36 -15.97
C ASP A 297 -9.87 2.42 -16.73
N HIS A 298 -8.78 2.11 -16.05
CA HIS A 298 -7.47 2.22 -16.73
C HIS A 298 -7.12 0.95 -17.48
N LEU A 299 -7.83 -0.13 -17.17
CA LEU A 299 -7.51 -1.41 -17.79
C LEU A 299 -7.71 -1.47 -19.32
N PRO A 300 -8.85 -0.98 -19.82
CA PRO A 300 -9.04 -1.06 -21.28
C PRO A 300 -7.97 -0.36 -22.08
N PRO A 301 -7.63 0.90 -21.74
CA PRO A 301 -6.62 1.51 -22.61
C PRO A 301 -5.21 0.90 -22.44
N SER A 302 -4.84 0.51 -21.23
CA SER A 302 -3.54 -0.09 -20.99
C SER A 302 -3.38 -1.39 -21.78
N ILE A 303 -4.44 -2.18 -21.79
CA ILE A 303 -4.46 -3.46 -22.48
C ILE A 303 -4.44 -3.26 -23.99
N LEU A 304 -5.18 -2.25 -24.46
CA LEU A 304 -5.17 -1.94 -25.87
C LEU A 304 -3.77 -1.56 -26.38
N GLN A 305 -2.99 -0.90 -25.53
CA GLN A 305 -1.70 -0.34 -25.96
C GLN A 305 -0.56 -1.23 -25.53
N ASP A 306 -0.89 -2.33 -24.85
CA ASP A 306 0.07 -3.21 -24.20
C ASP A 306 1.07 -2.40 -23.39
N ALA A 307 0.56 -1.56 -22.50
CA ALA A 307 1.38 -0.57 -21.83
C ALA A 307 2.18 -1.12 -20.67
N VAL A 308 1.60 -2.06 -19.94
CA VAL A 308 2.23 -2.57 -18.72
C VAL A 308 2.04 -4.08 -18.64
N GLN A 309 3.00 -4.77 -18.03
CA GLN A 309 3.00 -6.24 -18.02
C GLN A 309 2.73 -6.72 -16.59
N VAL A 310 2.94 -5.85 -15.62
CA VAL A 310 2.67 -6.20 -14.23
C VAL A 310 1.90 -5.10 -13.51
N ILE A 311 0.80 -5.44 -12.86
CA ILE A 311 0.03 -4.46 -12.10
C ILE A 311 0.21 -4.69 -10.62
N LEU A 312 0.65 -3.67 -9.88
CA LEU A 312 0.72 -3.76 -8.44
C LEU A 312 -0.67 -3.48 -7.91
N SER A 313 -1.28 -4.50 -7.31
CA SER A 313 -2.59 -4.31 -6.68
C SER A 313 -2.40 -3.52 -5.39
N ASP A 314 -3.48 -2.92 -4.91
CA ASP A 314 -3.47 -2.23 -3.62
C ASP A 314 -4.93 -2.13 -3.24
N HIS A 315 -5.36 -2.89 -2.25
CA HIS A 315 -6.77 -2.95 -1.99
C HIS A 315 -7.26 -1.63 -1.40
N HIS A 316 -6.35 -0.75 -1.04
CA HIS A 316 -6.75 0.49 -0.37
C HIS A 316 -7.32 1.47 -1.38
N PHE A 317 -6.92 1.32 -2.65
CA PHE A 317 -7.47 2.19 -3.68
C PHE A 317 -8.16 1.48 -4.87
N TRP A 318 -8.09 0.14 -4.89
CA TRP A 318 -8.82 -0.60 -5.90
C TRP A 318 -10.19 -1.03 -5.39
N GLY A 319 -10.52 -0.72 -4.14
CA GLY A 319 -11.86 -1.05 -3.65
C GLY A 319 -12.04 -2.22 -2.72
N GLY A 320 -11.01 -2.61 -1.97
CA GLY A 320 -11.17 -3.71 -1.00
C GLY A 320 -10.67 -5.06 -1.50
N LEU A 321 -10.86 -6.09 -0.69
CA LEU A 321 -10.26 -7.40 -0.95
C LEU A 321 -10.89 -8.13 -2.14
N ARG A 322 -12.23 -8.13 -2.24
CA ARG A 322 -12.90 -8.82 -3.35
CA ARG A 322 -12.91 -8.83 -3.34
C ARG A 322 -12.67 -8.17 -4.69
N LYS A 323 -12.67 -6.84 -4.71
CA LYS A 323 -12.37 -6.14 -5.94
C LYS A 323 -10.92 -6.37 -6.41
N SER A 324 -9.99 -6.51 -5.46
CA SER A 324 -8.62 -6.83 -5.79
C SER A 324 -8.54 -8.22 -6.45
N GLN A 325 -9.33 -9.18 -5.96
CA GLN A 325 -9.42 -10.48 -6.64
C GLN A 325 -9.94 -10.42 -8.05
N THR A 326 -10.94 -9.57 -8.26
CA THR A 326 -11.39 -9.30 -9.61
C THR A 326 -10.26 -8.77 -10.49
N LEU A 327 -9.51 -7.79 -10.01
CA LEU A 327 -8.38 -7.31 -10.79
C LEU A 327 -7.44 -8.49 -11.10
N ALA A 328 -7.23 -9.34 -10.11
CA ALA A 328 -6.31 -10.46 -10.27
C ALA A 328 -6.77 -11.38 -11.40
N SER A 329 -8.08 -11.57 -11.50
CA SER A 329 -8.64 -12.45 -12.52
C SER A 329 -8.56 -11.79 -13.89
N ILE A 330 -8.75 -10.48 -13.92
CA ILE A 330 -8.60 -9.78 -15.16
C ILE A 330 -7.16 -9.94 -15.59
N CYS A 331 -6.23 -9.77 -14.66
CA CYS A 331 -4.81 -9.95 -15.02
C CYS A 331 -4.54 -11.35 -15.59
N ALA A 332 -5.02 -12.39 -14.92
CA ALA A 332 -4.83 -13.75 -15.41
C ALA A 332 -5.46 -13.89 -16.82
N THR A 333 -6.69 -13.46 -16.99
CA THR A 333 -7.30 -13.53 -18.33
C THR A 333 -6.50 -12.85 -19.46
N TRP A 334 -5.90 -11.71 -19.17
CA TRP A 334 -5.23 -10.95 -20.21
C TRP A 334 -3.73 -11.21 -20.20
N GLY A 335 -3.28 -12.18 -19.41
CA GLY A 335 -1.86 -12.51 -19.39
C GLY A 335 -0.93 -11.48 -18.76
N LEU A 336 -1.47 -10.69 -17.83
CA LEU A 336 -0.65 -9.77 -17.08
C LEU A 336 -0.30 -10.42 -15.77
N ARG A 337 0.81 -9.99 -15.18
CA ARG A 337 1.19 -10.48 -13.85
C ARG A 337 0.76 -9.50 -12.77
N LEU A 338 0.78 -9.97 -11.54
CA LEU A 338 0.24 -9.23 -10.42
C LEU A 338 1.21 -9.24 -9.26
N SER A 339 1.42 -8.04 -8.69
CA SER A 339 2.26 -7.85 -7.49
C SER A 339 1.43 -7.02 -6.48
N MET A 340 2.07 -6.37 -5.51
CA MET A 340 1.35 -5.56 -4.51
C MET A 340 2.09 -4.30 -4.02
N HIS A 341 1.35 -3.20 -4.03
CA HIS A 341 1.86 -1.88 -3.70
C HIS A 341 1.56 -1.58 -2.24
N SER A 342 2.40 -0.74 -1.63
CA SER A 342 2.27 -0.40 -0.22
C SER A 342 2.42 1.10 -0.05
N ASN A 343 1.71 1.64 0.93
CA ASN A 343 2.08 2.92 1.56
C ASN A 343 2.30 2.67 3.03
N SER A 344 2.98 3.58 3.73
CA SER A 344 3.20 3.43 5.14
C SER A 344 1.90 3.00 5.80
N HIS A 345 1.93 1.89 6.56
CA HIS A 345 0.71 1.30 7.12
C HIS A 345 0.90 0.57 8.44
N LEU A 346 -0.22 0.20 9.05
CA LEU A 346 -0.22 -0.47 10.35
C LEU A 346 -0.72 -1.90 10.22
N GLY A 347 -1.03 -2.52 11.35
CA GLY A 347 -1.32 -3.96 11.39
C GLY A 347 -2.62 -4.40 10.76
N ILE A 348 -3.62 -3.52 10.71
CA ILE A 348 -4.90 -3.89 10.11
C ILE A 348 -4.68 -4.08 8.63
N SER A 349 -3.98 -3.13 8.02
CA SER A 349 -3.66 -3.24 6.62
C SER A 349 -2.76 -4.43 6.35
N LEU A 350 -1.82 -4.69 7.25
CA LEU A 350 -0.92 -5.79 6.97
C LEU A 350 -1.70 -7.10 6.96
N ALA A 351 -2.60 -7.26 7.92
CA ALA A 351 -3.43 -8.47 7.97
C ALA A 351 -4.28 -8.63 6.69
N ALA A 352 -4.83 -7.54 6.20
CA ALA A 352 -5.68 -7.62 5.00
C ALA A 352 -4.85 -7.90 3.75
N MET A 353 -3.69 -7.26 3.65
CA MET A 353 -2.81 -7.51 2.51
C MET A 353 -2.42 -8.97 2.52
N THR A 354 -2.14 -9.50 3.70
CA THR A 354 -1.68 -10.87 3.78
C THR A 354 -2.77 -11.86 3.39
N HIS A 355 -3.97 -11.74 3.98
CA HIS A 355 -5.10 -12.60 3.62
C HIS A 355 -5.38 -12.52 2.13
N LEU A 356 -5.41 -11.30 1.60
CA LEU A 356 -5.70 -11.18 0.19
C LEU A 356 -4.65 -11.94 -0.60
N ALA A 357 -3.39 -11.63 -0.38
CA ALA A 357 -2.33 -12.30 -1.13
C ALA A 357 -2.33 -13.84 -0.93
N SER A 358 -2.66 -14.33 0.26
CA SER A 358 -2.61 -15.77 0.50
C SER A 358 -3.64 -16.53 -0.34
N ALA A 359 -4.74 -15.86 -0.67
CA ALA A 359 -5.87 -16.50 -1.34
C ALA A 359 -5.95 -16.12 -2.80
N THR A 360 -4.87 -15.54 -3.34
CA THR A 360 -4.86 -15.15 -4.71
C THR A 360 -3.77 -15.89 -5.47
N PRO A 361 -4.15 -16.96 -6.18
CA PRO A 361 -3.22 -17.91 -6.80
C PRO A 361 -2.17 -17.23 -7.66
N ASN A 362 -2.56 -16.25 -8.48
CA ASN A 362 -1.55 -15.64 -9.36
C ASN A 362 -0.81 -14.45 -8.78
N LEU A 363 -0.93 -14.21 -7.48
CA LEU A 363 -0.18 -13.13 -6.86
C LEU A 363 1.08 -13.75 -6.31
N ASP A 364 2.05 -13.90 -7.22
CA ASP A 364 3.26 -14.68 -7.01
C ASP A 364 4.51 -13.84 -6.71
N TYR A 365 4.59 -12.61 -7.26
CA TYR A 365 5.70 -11.71 -6.89
C TYR A 365 5.61 -11.37 -5.43
N ALA A 366 6.74 -11.11 -4.79
CA ALA A 366 6.74 -10.66 -3.40
C ALA A 366 6.04 -9.31 -3.28
N CYS A 367 5.30 -9.12 -2.20
CA CYS A 367 4.55 -7.88 -1.96
C CYS A 367 5.44 -6.82 -1.33
N ASP A 368 5.24 -5.57 -1.73
CA ASP A 368 5.88 -4.45 -1.06
C ASP A 368 5.31 -4.22 0.34
N THR A 369 6.16 -3.76 1.24
CA THR A 369 5.70 -3.30 2.55
C THR A 369 6.67 -2.27 3.05
N HIS A 370 6.18 -1.38 3.91
CA HIS A 370 6.98 -0.35 4.55
C HIS A 370 7.28 -0.74 5.97
N TRP A 371 6.99 -1.99 6.35
CA TRP A 371 7.06 -2.37 7.77
C TRP A 371 8.40 -1.97 8.45
N PRO A 372 9.52 -2.14 7.73
CA PRO A 372 10.80 -1.88 8.39
C PRO A 372 11.00 -0.42 8.75
N TRP A 373 10.18 0.45 8.15
CA TRP A 373 10.31 1.88 8.38
C TRP A 373 9.51 2.38 9.56
N LYS A 374 8.69 1.50 10.11
CA LYS A 374 7.78 1.85 11.19
C LYS A 374 8.44 1.41 12.50
N ARG A 375 8.30 2.22 13.55
CA ARG A 375 8.77 1.80 14.87
C ARG A 375 8.17 0.46 15.28
N ARG A 376 9.01 -0.41 15.86
CA ARG A 376 8.59 -1.76 16.20
C ARG A 376 7.52 -1.77 17.27
N ASP A 377 7.39 -0.65 17.98
CA ASP A 377 6.43 -0.59 19.05
C ASP A 377 5.20 0.29 18.71
N GLU A 378 5.11 0.77 17.47
CA GLU A 378 3.89 1.51 17.10
C GLU A 378 2.96 0.67 16.20
N ASP A 379 1.71 0.54 16.65
CA ASP A 379 0.66 -0.17 15.92
C ASP A 379 -0.66 0.07 16.64
N VAL A 380 -1.76 -0.45 16.09
CA VAL A 380 -3.07 -0.31 16.72
C VAL A 380 -3.70 -1.67 17.02
N VAL A 381 -3.03 -2.76 16.64
CA VAL A 381 -3.57 -4.11 16.92
C VAL A 381 -2.91 -4.76 18.14
N ILE A 382 -3.62 -5.68 18.78
CA ILE A 382 -3.05 -6.43 19.89
C ILE A 382 -1.84 -7.18 19.36
N GLU A 383 -0.73 -7.09 20.05
CA GLU A 383 0.49 -7.71 19.65
C GLU A 383 0.47 -9.21 19.57
N GLY A 384 1.13 -9.77 18.58
CA GLY A 384 1.37 -11.21 18.53
C GLY A 384 0.65 -12.01 17.46
N ALA A 385 -0.27 -11.37 16.75
CA ALA A 385 -1.09 -12.05 15.74
C ALA A 385 -0.39 -12.06 14.38
N LEU A 386 0.60 -11.20 14.21
CA LEU A 386 1.27 -11.03 12.93
C LEU A 386 2.76 -11.36 13.03
N LYS A 387 3.14 -12.57 12.61
CA LYS A 387 4.51 -13.04 12.75
C LYS A 387 5.26 -13.09 11.43
N TRP A 388 6.53 -12.69 11.46
CA TRP A 388 7.40 -12.77 10.30
C TRP A 388 8.21 -14.03 10.41
N LYS A 389 8.56 -14.57 9.25
CA LYS A 389 9.33 -15.80 9.20
C LYS A 389 9.83 -15.98 7.77
N ASP A 390 11.14 -15.99 7.59
CA ASP A 390 11.67 -16.25 6.26
C ASP A 390 11.23 -15.22 5.20
N GLY A 391 11.06 -13.97 5.59
CA GLY A 391 10.74 -12.93 4.61
C GLY A 391 9.26 -12.79 4.30
N GLY A 392 8.43 -13.48 5.09
CA GLY A 392 7.00 -13.49 4.84
C GLY A 392 6.19 -13.37 6.10
N VAL A 393 4.96 -12.90 5.98
CA VAL A 393 4.03 -12.94 7.09
C VAL A 393 3.25 -14.24 7.07
N ILE A 394 3.24 -14.93 8.19
CA ILE A 394 2.44 -16.12 8.34
C ILE A 394 0.98 -15.67 8.37
N VAL A 395 0.16 -16.26 7.49
CA VAL A 395 -1.26 -15.96 7.43
C VAL A 395 -1.92 -16.14 8.81
N PRO A 396 -2.62 -15.11 9.31
CA PRO A 396 -3.26 -15.28 10.61
C PRO A 396 -4.32 -16.38 10.58
N SER A 397 -4.51 -17.05 11.71
CA SER A 397 -5.28 -18.29 11.72
C SER A 397 -6.67 -18.23 12.35
N GLY A 398 -6.96 -17.18 13.11
CA GLY A 398 -8.26 -17.09 13.75
C GLY A 398 -9.32 -16.53 12.83
N PRO A 399 -10.54 -16.33 13.35
CA PRO A 399 -11.65 -15.80 12.55
C PRO A 399 -11.39 -14.36 12.12
N GLY A 400 -12.01 -13.95 11.01
CA GLY A 400 -11.86 -12.58 10.52
C GLY A 400 -10.43 -12.33 10.05
N LEU A 401 -9.97 -11.09 10.21
CA LEU A 401 -8.60 -10.72 9.85
C LEU A 401 -7.57 -11.39 10.77
N GLY A 402 -7.99 -11.87 11.92
CA GLY A 402 -7.07 -12.51 12.87
C GLY A 402 -6.34 -11.50 13.75
N VAL A 403 -6.71 -10.21 13.64
CA VAL A 403 -6.16 -9.20 14.54
C VAL A 403 -7.25 -8.56 15.38
N GLU A 404 -6.89 -8.05 16.55
CA GLU A 404 -7.84 -7.35 17.40
C GLU A 404 -7.35 -5.94 17.66
N LEU A 405 -8.27 -5.08 18.03
CA LEU A 405 -7.97 -3.67 18.22
C LEU A 405 -7.33 -3.48 19.59
N ASP A 406 -6.13 -2.88 19.63
CA ASP A 406 -5.54 -2.52 20.91
C ASP A 406 -5.99 -1.11 21.23
N ARG A 407 -7.00 -0.98 22.09
CA ARG A 407 -7.64 0.31 22.33
CA ARG A 407 -7.64 0.31 22.33
C ARG A 407 -6.75 1.32 23.08
N GLU A 408 -5.84 0.82 23.89
CA GLU A 408 -4.90 1.73 24.54
C GLU A 408 -3.92 2.24 23.48
N ARG A 409 -3.48 1.38 22.59
CA ARG A 409 -2.57 1.87 21.56
C ARG A 409 -3.25 2.74 20.52
N LEU A 410 -4.49 2.45 20.15
CA LEU A 410 -5.22 3.38 19.29
C LEU A 410 -5.28 4.80 19.86
N ALA A 411 -5.65 4.92 21.14
CA ALA A 411 -5.74 6.22 21.80
C ALA A 411 -4.36 6.93 21.79
N LYS A 412 -3.31 6.16 22.03
CA LYS A 412 -1.96 6.71 22.04
C LYS A 412 -1.66 7.30 20.67
N LEU A 413 -1.86 6.52 19.60
CA LEU A 413 -1.54 7.02 18.27
C LEU A 413 -2.51 8.09 17.81
N HIS A 414 -3.74 8.04 18.31
CA HIS A 414 -4.64 9.16 18.04
C HIS A 414 -4.16 10.45 18.73
N GLN A 415 -3.68 10.32 19.97
CA GLN A 415 -3.13 11.48 20.68
C GLN A 415 -1.92 12.06 19.88
N GLN A 416 -1.03 11.20 19.37
CA GLN A 416 0.05 11.68 18.47
C GLN A 416 -0.51 12.44 17.29
N TYR A 417 -1.59 11.93 16.72
CA TYR A 417 -2.22 12.63 15.62
C TYR A 417 -2.57 14.04 16.06
N VAL A 418 -3.27 14.12 17.20
CA VAL A 418 -3.75 15.40 17.67
C VAL A 418 -2.54 16.31 17.92
N ASP A 419 -1.53 15.76 18.56
CA ASP A 419 -0.39 16.55 18.99
C ASP A 419 0.48 17.02 17.84
N CYS A 420 0.62 16.21 16.78
CA CYS A 420 1.58 16.56 15.72
C CYS A 420 1.00 17.57 14.74
N GLY A 421 -0.31 17.75 14.73
CA GLY A 421 -0.93 18.80 13.91
C GLY A 421 -0.90 18.59 12.41
N LEU A 422 -0.30 17.49 11.96
CA LEU A 422 -0.33 17.18 10.53
C LEU A 422 -1.76 16.79 10.11
N LYS A 423 -2.21 17.31 8.98
CA LYS A 423 -3.61 17.11 8.53
C LYS A 423 -3.73 16.41 7.17
N LYS A 424 -2.60 16.34 6.45
CA LYS A 424 -2.54 15.62 5.19
C LYS A 424 -1.07 15.22 4.97
N ARG A 425 -0.84 14.23 4.12
CA ARG A 425 0.53 13.91 3.74
C ARG A 425 1.08 14.96 2.77
N ASP A 426 2.26 15.51 3.07
CA ASP A 426 2.86 16.50 2.17
C ASP A 426 4.40 16.48 2.03
N ASP A 427 4.92 15.50 1.32
CA ASP A 427 6.36 15.30 1.13
C ASP A 427 7.00 16.50 0.45
N THR A 428 6.24 17.17 -0.40
CA THR A 428 6.81 18.20 -1.24
C THR A 428 6.98 19.48 -0.43
N THR A 429 5.96 19.85 0.35
CA THR A 429 6.06 21.05 1.16
C THR A 429 7.15 20.89 2.21
N TYR A 430 7.25 19.69 2.78
CA TYR A 430 8.26 19.41 3.81
C TYR A 430 9.67 19.49 3.25
N MET A 431 9.90 18.94 2.06
CA MET A 431 11.20 19.07 1.40
C MET A 431 11.56 20.53 1.17
N LYS A 432 10.58 21.30 0.71
CA LYS A 432 10.80 22.70 0.36
C LYS A 432 11.08 23.60 1.57
N ARG A 433 10.84 23.09 2.78
CA ARG A 433 11.25 23.79 3.98
C ARG A 433 12.77 23.82 4.09
N PHE A 434 13.44 22.86 3.45
CA PHE A 434 14.89 22.76 3.59
C PHE A 434 15.61 22.99 2.27
N LYS A 435 14.90 22.76 1.17
CA LYS A 435 15.43 23.01 -0.15
C LYS A 435 14.34 23.70 -0.95
N PRO A 436 14.17 24.99 -0.71
CA PRO A 436 13.05 25.75 -1.25
C PRO A 436 13.06 25.71 -2.77
N GLU A 437 14.22 25.40 -3.36
CA GLU A 437 14.38 25.35 -4.83
C GLU A 437 13.90 24.02 -5.43
N PHE A 438 13.76 23.01 -4.59
CA PHE A 438 13.38 21.68 -5.04
C PHE A 438 12.13 21.71 -5.93
N SER A 439 12.16 20.94 -7.01
CA SER A 439 10.99 20.77 -7.88
C SER A 439 10.45 19.34 -7.92
N GLU A 440 9.15 19.19 -7.67
CA GLU A 440 8.51 17.88 -7.64
C GLU A 440 7.95 17.45 -9.01
N LYS A 441 8.06 18.32 -10.02
CA LYS A 441 7.52 17.99 -11.34
C LYS A 441 8.26 16.83 -11.98
N ILE A 442 7.54 16.04 -12.75
CA ILE A 442 8.10 14.90 -13.48
C ILE A 442 7.60 14.96 -14.91
N PRO A 443 8.36 14.38 -15.85
CA PRO A 443 9.63 13.75 -15.53
C PRO A 443 10.72 14.79 -15.35
N ARG A 444 11.86 14.36 -14.82
CA ARG A 444 12.90 15.26 -14.40
C ARG A 444 14.25 14.94 -15.07
N TRP A 445 14.42 13.71 -15.54
CA TRP A 445 15.68 13.30 -16.19
C TRP A 445 15.34 12.51 -17.41
S SO4 B . 6.32 6.34 -0.74
O1 SO4 B . 6.42 5.60 0.54
O2 SO4 B . 7.32 7.41 -0.73
O3 SO4 B . 6.54 5.46 -1.87
O4 SO4 B . 5.00 6.95 -0.87
MG MG C . 5.54 2.32 -7.46
C FMT D . 5.13 3.16 -5.16
O1 FMT D . 5.21 1.92 -5.33
O2 FMT D . 5.00 4.01 -6.07
#